data_4PZK
#
_entry.id   4PZK
#
_cell.length_a   48.249
_cell.length_b   59.758
_cell.length_c   111.455
_cell.angle_alpha   90.00
_cell.angle_beta   90.00
_cell.angle_gamma   90.00
#
_symmetry.space_group_name_H-M   'P 21 21 21'
#
loop_
_entity.id
_entity.type
_entity.pdbx_description
1 polymer "tRNA (cytidine(34)-2'-O)-methyltransferase"
2 non-polymer S-ADENOSYL-L-HOMOCYSTEINE
3 water water
#
_entity_poly.entity_id   1
_entity_poly.type   'polypeptide(L)'
_entity_poly.pdbx_seq_one_letter_code
;MGVHVVLYQPEIPANTGNIARTCAATGTELHLIRPLGFSTDDKMLKRAGLDYWQHVKITYYDSIEEFYEKNKDGEFFYLT
KYGEKAHTAFDYSKREKDYYFVFGRETNGLPANVIEENFDHCLRIPMTDKVRSLNLSNTAAILIYEAFRQQNYPGLDLEI
VYAGENLYFQ
;
_entity_poly.pdbx_strand_id   A,B
#
# COMPACT_ATOMS: atom_id res chain seq x y z
N GLY A 2 -7.89 -14.87 -12.12
CA GLY A 2 -8.08 -13.78 -11.18
C GLY A 2 -6.85 -13.50 -10.34
N VAL A 3 -6.99 -12.50 -9.47
CA VAL A 3 -5.94 -12.13 -8.54
C VAL A 3 -6.44 -12.46 -7.14
N HIS A 4 -5.55 -13.00 -6.32
CA HIS A 4 -5.87 -13.50 -4.99
C HIS A 4 -4.84 -13.06 -3.98
N VAL A 5 -5.31 -12.64 -2.82
N VAL A 5 -5.29 -12.61 -2.82
CA VAL A 5 -4.45 -12.38 -1.66
CA VAL A 5 -4.36 -12.45 -1.71
C VAL A 5 -4.75 -13.41 -0.58
C VAL A 5 -4.73 -13.41 -0.60
N VAL A 6 -3.70 -14.04 -0.04
CA VAL A 6 -3.83 -15.06 0.97
C VAL A 6 -3.13 -14.58 2.24
N LEU A 7 -3.87 -14.46 3.34
CA LEU A 7 -3.31 -14.01 4.60
C LEU A 7 -3.14 -15.20 5.53
N TYR A 8 -1.89 -15.50 5.85
CA TYR A 8 -1.59 -16.57 6.77
C TYR A 8 -1.68 -16.07 8.22
N GLN A 9 -2.73 -16.50 8.93
CA GLN A 9 -2.93 -16.17 10.35
C GLN A 9 -2.74 -14.68 10.68
N PRO A 10 -3.51 -13.81 10.00
CA PRO A 10 -3.35 -12.37 10.27
C PRO A 10 -3.69 -11.99 11.71
N GLU A 11 -3.04 -10.95 12.22
CA GLU A 11 -3.07 -10.60 13.63
C GLU A 11 -3.92 -9.38 13.99
N ILE A 12 -3.79 -8.33 13.21
N ILE A 12 -3.75 -8.33 13.20
CA ILE A 12 -4.27 -7.01 13.63
CA ILE A 12 -4.27 -7.00 13.52
C ILE A 12 -5.44 -6.58 12.75
C ILE A 12 -5.52 -6.74 12.69
N PRO A 13 -6.63 -6.40 13.37
CA PRO A 13 -7.87 -6.17 12.59
C PRO A 13 -7.75 -5.04 11.57
N ALA A 14 -7.13 -3.92 11.91
CA ALA A 14 -7.03 -2.82 10.93
C ALA A 14 -6.34 -3.23 9.63
N ASN A 15 -5.35 -4.13 9.70
CA ASN A 15 -4.65 -4.54 8.49
C ASN A 15 -5.57 -5.32 7.58
N THR A 16 -6.33 -6.25 8.16
CA THR A 16 -7.23 -7.05 7.34
C THR A 16 -8.40 -6.22 6.84
N GLY A 17 -8.88 -5.28 7.67
CA GLY A 17 -9.86 -4.32 7.19
C GLY A 17 -9.38 -3.55 5.96
N ASN A 18 -8.14 -3.06 6.02
CA ASN A 18 -7.54 -2.34 4.88
C ASN A 18 -7.43 -3.24 3.65
N ILE A 19 -6.96 -4.47 3.87
CA ILE A 19 -6.78 -5.38 2.74
C ILE A 19 -8.12 -5.75 2.12
N ALA A 20 -9.14 -5.96 2.96
CA ALA A 20 -10.49 -6.23 2.46
C ALA A 20 -11.00 -5.06 1.61
N ARG A 21 -10.66 -3.84 2.02
CA ARG A 21 -11.06 -2.66 1.23
C ARG A 21 -10.37 -2.69 -0.14
N THR A 22 -9.07 -2.98 -0.17
CA THR A 22 -8.36 -3.05 -1.44
C THR A 22 -8.92 -4.17 -2.32
N CYS A 23 -9.31 -5.29 -1.71
CA CYS A 23 -9.95 -6.37 -2.45
C CYS A 23 -11.29 -5.95 -3.04
N ALA A 24 -12.14 -5.28 -2.23
CA ALA A 24 -13.41 -4.79 -2.77
C ALA A 24 -13.18 -3.79 -3.89
N ALA A 25 -12.13 -3.00 -3.76
CA ALA A 25 -11.81 -1.98 -4.75
C ALA A 25 -11.35 -2.53 -6.09
N THR A 26 -10.94 -3.80 -6.11
CA THR A 26 -10.32 -4.37 -7.31
C THR A 26 -10.94 -5.68 -7.82
N GLY A 27 -11.74 -6.36 -7.00
CA GLY A 27 -12.22 -7.68 -7.37
C GLY A 27 -11.21 -8.79 -7.05
N THR A 28 -10.19 -8.43 -6.26
CA THR A 28 -9.22 -9.41 -5.78
C THR A 28 -9.89 -10.31 -4.75
N GLU A 29 -9.66 -11.62 -4.82
CA GLU A 29 -10.21 -12.52 -3.81
C GLU A 29 -9.36 -12.51 -2.54
N LEU A 30 -10.03 -12.67 -1.41
CA LEU A 30 -9.37 -12.70 -0.11
C LEU A 30 -9.49 -14.08 0.52
N HIS A 31 -8.35 -14.68 0.82
CA HIS A 31 -8.27 -16.00 1.43
C HIS A 31 -7.66 -15.85 2.81
N LEU A 32 -8.40 -16.22 3.84
CA LEU A 32 -7.94 -16.05 5.22
C LEU A 32 -7.67 -17.39 5.87
N ILE A 33 -6.44 -17.60 6.30
CA ILE A 33 -6.08 -18.85 6.97
C ILE A 33 -6.10 -18.64 8.48
N ARG A 34 -7.03 -19.35 9.14
CA ARG A 34 -7.19 -19.29 10.59
C ARG A 34 -6.01 -19.95 11.29
N PRO A 35 -5.77 -19.62 12.56
CA PRO A 35 -6.51 -18.67 13.40
C PRO A 35 -6.27 -17.21 13.04
N LEU A 36 -7.33 -16.42 13.11
CA LEU A 36 -7.23 -14.98 12.97
C LEU A 36 -7.07 -14.33 14.34
N GLY A 37 -6.53 -13.12 14.38
CA GLY A 37 -6.34 -12.42 15.65
C GLY A 37 -7.53 -11.59 16.12
N PHE A 38 -8.69 -11.83 15.51
CA PHE A 38 -9.85 -10.95 15.66
C PHE A 38 -11.09 -11.57 15.08
N SER A 39 -12.25 -11.06 15.50
CA SER A 39 -13.53 -11.51 14.99
C SER A 39 -13.81 -10.89 13.62
N THR A 40 -14.53 -11.65 12.78
CA THR A 40 -15.04 -11.07 11.54
C THR A 40 -16.54 -11.33 11.45
N ASP A 41 -17.20 -11.36 12.60
N ASP A 41 -17.19 -11.37 12.60
CA ASP A 41 -18.64 -11.56 12.65
CA ASP A 41 -18.64 -11.53 12.67
C ASP A 41 -19.37 -10.40 11.98
C ASP A 41 -19.35 -10.39 11.93
N ASP A 42 -20.44 -10.73 11.25
CA ASP A 42 -21.15 -9.76 10.41
C ASP A 42 -21.69 -8.52 11.13
N LYS A 43 -22.40 -8.72 12.23
CA LYS A 43 -23.03 -7.61 12.94
C LYS A 43 -21.98 -6.60 13.39
N MET A 44 -20.81 -7.11 13.76
CA MET A 44 -19.72 -6.27 14.22
C MET A 44 -19.09 -5.47 13.07
N LEU A 45 -18.90 -6.13 11.94
CA LEU A 45 -18.35 -5.46 10.77
C LEU A 45 -19.24 -4.30 10.30
N LYS A 46 -20.55 -4.50 10.34
CA LYS A 46 -21.48 -3.48 9.86
C LYS A 46 -21.55 -2.26 10.78
N ARG A 47 -21.61 -2.48 12.09
CA ARG A 47 -21.63 -1.36 13.03
C ARG A 47 -20.29 -0.65 12.99
N ALA A 48 -19.22 -1.39 12.73
CA ALA A 48 -17.90 -0.79 12.51
C ALA A 48 -17.87 -0.06 11.17
N GLY A 49 -18.98 -0.11 10.43
CA GLY A 49 -19.13 0.64 9.20
C GLY A 49 -18.39 0.07 8.02
N LEU A 50 -17.96 -1.19 8.12
CA LEU A 50 -17.25 -1.83 7.00
C LEU A 50 -18.25 -2.35 5.98
N ASP A 51 -18.96 -1.43 5.33
CA ASP A 51 -20.01 -1.75 4.37
C ASP A 51 -19.46 -2.47 3.15
N TYR A 52 -18.19 -2.24 2.85
CA TYR A 52 -17.59 -2.84 1.68
C TYR A 52 -17.30 -4.33 1.88
N TRP A 53 -17.31 -4.80 3.12
CA TRP A 53 -16.90 -6.18 3.42
C TRP A 53 -17.77 -7.18 2.66
N GLN A 54 -19.07 -6.87 2.56
CA GLN A 54 -20.01 -7.74 1.87
C GLN A 54 -19.64 -7.95 0.40
N HIS A 55 -18.89 -7.00 -0.18
CA HIS A 55 -18.55 -7.09 -1.60
C HIS A 55 -17.30 -7.91 -1.89
N VAL A 56 -16.58 -8.29 -0.84
CA VAL A 56 -15.35 -9.04 -1.02
C VAL A 56 -15.64 -10.51 -1.24
N LYS A 57 -14.92 -11.09 -2.19
CA LYS A 57 -14.93 -12.52 -2.43
C LYS A 57 -14.02 -13.16 -1.40
N ILE A 58 -14.62 -13.71 -0.35
N ILE A 58 -14.60 -13.62 -0.29
CA ILE A 58 -13.84 -14.16 0.78
CA ILE A 58 -13.80 -14.16 0.82
C ILE A 58 -13.98 -15.68 1.01
C ILE A 58 -13.96 -15.66 0.97
N THR A 59 -12.87 -16.31 1.37
CA THR A 59 -12.89 -17.72 1.75
C THR A 59 -12.04 -17.88 3.02
N TYR A 60 -12.57 -18.64 3.99
CA TYR A 60 -11.83 -18.99 5.20
C TYR A 60 -11.31 -20.41 5.15
N TYR A 61 -10.14 -20.64 5.76
CA TYR A 61 -9.55 -21.97 5.83
C TYR A 61 -9.06 -22.24 7.24
N ASP A 62 -9.10 -23.51 7.67
CA ASP A 62 -8.62 -23.82 9.00
C ASP A 62 -7.13 -24.10 9.05
N SER A 63 -6.51 -24.25 7.87
CA SER A 63 -5.09 -24.52 7.78
C SER A 63 -4.54 -24.22 6.40
N ILE A 64 -3.24 -24.05 6.30
CA ILE A 64 -2.66 -23.80 4.99
C ILE A 64 -2.77 -25.07 4.12
N GLU A 65 -2.78 -26.24 4.74
CA GLU A 65 -3.00 -27.49 4.03
C GLU A 65 -4.36 -27.49 3.33
N GLU A 66 -5.39 -27.05 4.04
CA GLU A 66 -6.72 -26.97 3.45
C GLU A 66 -6.74 -25.95 2.31
N PHE A 67 -6.07 -24.81 2.51
CA PHE A 67 -5.95 -23.82 1.46
C PHE A 67 -5.39 -24.43 0.17
N TYR A 68 -4.26 -25.13 0.30
CA TYR A 68 -3.63 -25.73 -0.88
C TYR A 68 -4.55 -26.74 -1.56
N GLU A 69 -5.24 -27.54 -0.76
N GLU A 69 -5.24 -27.54 -0.76
CA GLU A 69 -6.09 -28.59 -1.31
CA GLU A 69 -6.10 -28.60 -1.31
C GLU A 69 -7.22 -28.00 -2.15
C GLU A 69 -7.26 -28.03 -2.11
N LYS A 70 -7.70 -26.83 -1.74
CA LYS A 70 -8.82 -26.19 -2.40
C LYS A 70 -8.40 -25.20 -3.48
N ASN A 71 -7.09 -25.02 -3.65
CA ASN A 71 -6.58 -24.08 -4.63
C ASN A 71 -5.40 -24.75 -5.33
N LYS A 72 -5.68 -25.77 -6.11
CA LYS A 72 -4.60 -26.58 -6.70
C LYS A 72 -4.00 -25.89 -7.93
N ASP A 73 -4.81 -25.13 -8.64
CA ASP A 73 -4.38 -24.53 -9.89
C ASP A 73 -4.01 -23.07 -9.69
N GLY A 74 -3.02 -22.61 -10.43
CA GLY A 74 -2.63 -21.23 -10.30
C GLY A 74 -1.17 -21.06 -9.98
N GLU A 75 -0.75 -19.80 -9.94
CA GLU A 75 0.62 -19.41 -9.72
C GLU A 75 0.74 -18.83 -8.33
N PHE A 76 1.62 -19.40 -7.52
CA PHE A 76 1.71 -19.01 -6.12
C PHE A 76 3.00 -18.28 -5.80
N PHE A 77 2.86 -17.09 -5.23
CA PHE A 77 3.99 -16.26 -4.86
C PHE A 77 3.94 -15.97 -3.38
N TYR A 78 5.11 -15.87 -2.76
CA TYR A 78 5.19 -15.74 -1.32
C TYR A 78 5.94 -14.47 -0.98
N LEU A 79 5.28 -13.55 -0.30
CA LEU A 79 5.85 -12.24 -0.04
C LEU A 79 6.63 -12.32 1.25
N THR A 80 7.92 -12.07 1.16
CA THR A 80 8.79 -12.11 2.33
C THR A 80 10.04 -11.27 2.13
N LYS A 81 10.45 -10.59 3.19
N LYS A 81 10.46 -10.57 3.18
CA LYS A 81 11.69 -9.82 3.20
CA LYS A 81 11.69 -9.80 3.13
C LYS A 81 12.91 -10.69 2.88
C LYS A 81 12.91 -10.69 2.82
N TYR A 82 12.77 -12.01 3.03
CA TYR A 82 13.87 -12.93 2.73
C TYR A 82 13.97 -13.30 1.25
N GLY A 83 13.01 -12.84 0.45
CA GLY A 83 13.02 -13.15 -0.97
C GLY A 83 14.23 -12.56 -1.69
N GLU A 84 14.62 -13.18 -2.80
CA GLU A 84 15.76 -12.70 -3.57
C GLU A 84 15.36 -12.32 -5.00
N LYS A 85 14.06 -12.18 -5.22
CA LYS A 85 13.51 -11.58 -6.43
C LYS A 85 12.58 -10.44 -6.03
N ALA A 86 12.55 -9.38 -6.82
CA ALA A 86 11.61 -8.29 -6.54
C ALA A 86 10.17 -8.70 -6.86
N HIS A 87 9.22 -8.02 -6.23
CA HIS A 87 7.83 -8.30 -6.47
C HIS A 87 7.43 -8.01 -7.91
N THR A 88 8.24 -7.23 -8.61
CA THR A 88 7.95 -6.86 -9.99
C THR A 88 8.71 -7.74 -11.00
N ALA A 89 9.38 -8.78 -10.51
CA ALA A 89 10.20 -9.63 -11.37
C ALA A 89 9.40 -10.64 -12.22
N PHE A 90 8.15 -10.90 -11.85
CA PHE A 90 7.33 -11.86 -12.58
C PHE A 90 6.24 -11.18 -13.42
N ASP A 91 5.79 -11.92 -14.43
CA ASP A 91 4.73 -11.49 -15.35
C ASP A 91 3.37 -11.86 -14.75
N TYR A 92 2.53 -10.87 -14.43
CA TYR A 92 1.18 -11.14 -13.94
C TYR A 92 0.14 -10.68 -14.95
N SER A 93 0.52 -10.56 -16.23
CA SER A 93 -0.34 -9.87 -17.19
C SER A 93 -1.44 -10.72 -17.79
N LYS A 94 -1.41 -12.02 -17.54
CA LYS A 94 -2.37 -12.92 -18.18
C LYS A 94 -3.66 -13.00 -17.36
N ARG A 95 -4.69 -12.30 -17.82
CA ARG A 95 -5.92 -12.18 -17.04
C ARG A 95 -6.57 -13.53 -16.77
N GLU A 96 -6.36 -14.49 -17.67
CA GLU A 96 -6.97 -15.81 -17.55
C GLU A 96 -6.33 -16.69 -16.47
N LYS A 97 -5.13 -16.36 -16.02
CA LYS A 97 -4.47 -17.15 -14.97
C LYS A 97 -4.94 -16.73 -13.59
N ASP A 98 -4.73 -17.60 -12.60
CA ASP A 98 -4.98 -17.27 -11.21
C ASP A 98 -3.67 -17.03 -10.47
N TYR A 99 -3.45 -15.80 -10.02
CA TYR A 99 -2.25 -15.42 -9.30
C TYR A 99 -2.57 -15.28 -7.84
N TYR A 100 -1.82 -16.00 -7.01
CA TYR A 100 -2.00 -15.97 -5.57
C TYR A 100 -0.79 -15.34 -4.92
N PHE A 101 -1.02 -14.32 -4.12
CA PHE A 101 0.05 -13.70 -3.36
C PHE A 101 -0.17 -14.01 -1.88
N VAL A 102 0.82 -14.67 -1.27
CA VAL A 102 0.66 -15.20 0.09
C VAL A 102 1.48 -14.37 1.06
N PHE A 103 0.85 -13.90 2.13
CA PHE A 103 1.47 -13.00 3.08
C PHE A 103 1.54 -13.61 4.46
N GLY A 104 2.60 -13.28 5.21
CA GLY A 104 2.76 -13.80 6.55
C GLY A 104 2.12 -12.98 7.66
N ARG A 105 2.29 -13.45 8.89
CA ARG A 105 1.77 -12.76 10.07
C ARG A 105 2.53 -11.46 10.31
N GLU A 106 1.86 -10.45 10.84
CA GLU A 106 2.52 -9.17 11.13
C GLU A 106 3.75 -9.35 12.02
N THR A 107 3.70 -10.31 12.94
CA THR A 107 4.83 -10.54 13.83
C THR A 107 5.77 -11.64 13.31
N ASN A 108 5.24 -12.85 13.10
CA ASN A 108 6.08 -13.99 12.76
C ASN A 108 6.49 -14.07 11.29
N GLY A 109 5.80 -13.36 10.41
CA GLY A 109 5.95 -13.57 8.97
C GLY A 109 5.44 -14.94 8.53
N LEU A 110 5.98 -15.45 7.43
CA LEU A 110 5.66 -16.78 6.94
C LEU A 110 6.49 -17.83 7.64
N PRO A 111 5.94 -19.04 7.81
CA PRO A 111 6.74 -20.13 8.35
C PRO A 111 8.00 -20.39 7.52
N ALA A 112 9.08 -20.77 8.19
CA ALA A 112 10.35 -20.95 7.51
C ALA A 112 10.26 -22.04 6.45
N ASN A 113 9.52 -23.11 6.74
CA ASN A 113 9.45 -24.21 5.80
C ASN A 113 8.69 -23.80 4.53
N VAL A 114 7.73 -22.89 4.67
CA VAL A 114 7.01 -22.41 3.52
C VAL A 114 7.93 -21.60 2.62
N ILE A 115 8.74 -20.74 3.22
CA ILE A 115 9.72 -19.96 2.48
C ILE A 115 10.74 -20.87 1.80
N GLU A 116 11.27 -21.83 2.54
N GLU A 116 11.27 -21.82 2.55
CA GLU A 116 12.28 -22.74 1.99
CA GLU A 116 12.25 -22.76 2.03
C GLU A 116 11.74 -23.61 0.85
C GLU A 116 11.72 -23.57 0.84
N GLU A 117 10.53 -24.14 1.01
CA GLU A 117 9.97 -25.03 -0.01
C GLU A 117 9.61 -24.29 -1.29
N ASN A 118 9.42 -22.98 -1.18
CA ASN A 118 8.96 -22.18 -2.31
C ASN A 118 9.89 -21.03 -2.66
N PHE A 119 11.18 -21.19 -2.39
CA PHE A 119 12.06 -20.03 -2.38
C PHE A 119 12.15 -19.30 -3.71
N ASP A 120 12.11 -20.03 -4.83
N ASP A 120 12.10 -20.05 -4.82
CA ASP A 120 12.22 -19.35 -6.13
CA ASP A 120 12.13 -19.47 -6.16
C ASP A 120 10.95 -18.58 -6.51
C ASP A 120 11.01 -18.47 -6.40
N HIS A 121 9.92 -18.64 -5.65
CA HIS A 121 8.74 -17.81 -5.82
C HIS A 121 8.53 -16.88 -4.64
N CYS A 122 9.57 -16.70 -3.84
CA CYS A 122 9.55 -15.71 -2.75
C CYS A 122 9.97 -14.35 -3.28
N LEU A 123 9.12 -13.36 -3.02
CA LEU A 123 9.29 -12.01 -3.53
C LEU A 123 9.52 -11.04 -2.40
N ARG A 124 10.58 -10.25 -2.53
CA ARG A 124 10.91 -9.16 -1.62
C ARG A 124 10.62 -7.81 -2.27
N ILE A 125 9.72 -7.03 -1.67
CA ILE A 125 9.60 -5.62 -2.07
C ILE A 125 10.86 -4.91 -1.59
N PRO A 126 11.60 -4.25 -2.51
CA PRO A 126 12.89 -3.65 -2.12
C PRO A 126 12.76 -2.62 -0.98
N MET A 127 13.73 -2.62 -0.08
CA MET A 127 13.75 -1.71 1.06
C MET A 127 15.18 -1.31 1.41
N THR A 128 15.32 -0.15 2.05
CA THR A 128 16.53 0.20 2.77
C THR A 128 16.69 -0.64 4.03
N ASP A 129 17.80 -0.45 4.75
CA ASP A 129 18.02 -1.14 6.01
C ASP A 129 17.42 -0.41 7.22
N LYS A 130 16.58 0.60 6.98
CA LYS A 130 16.06 1.45 8.05
C LYS A 130 14.78 0.87 8.67
N VAL A 131 14.17 -0.11 8.02
CA VAL A 131 13.06 -0.85 8.58
C VAL A 131 13.33 -2.34 8.42
N ARG A 132 12.63 -3.15 9.21
CA ARG A 132 12.75 -4.60 9.08
C ARG A 132 11.77 -5.14 8.05
N SER A 133 10.68 -4.41 7.86
CA SER A 133 9.59 -4.87 7.00
C SER A 133 8.63 -3.71 6.75
N LEU A 134 7.81 -3.87 5.71
CA LEU A 134 6.71 -2.96 5.43
C LEU A 134 5.45 -3.39 6.18
N ASN A 135 4.48 -2.49 6.28
CA ASN A 135 3.19 -2.84 6.88
C ASN A 135 2.48 -3.88 6.01
N LEU A 136 1.86 -4.89 6.64
CA LEU A 136 1.16 -5.96 5.93
C LEU A 136 0.15 -5.46 4.88
N SER A 137 -0.75 -4.56 5.27
CA SER A 137 -1.77 -4.11 4.34
C SER A 137 -1.17 -3.29 3.19
N ASN A 138 -0.10 -2.53 3.47
CA ASN A 138 0.58 -1.80 2.40
C ASN A 138 1.18 -2.77 1.38
N THR A 139 1.78 -3.86 1.84
CA THR A 139 2.40 -4.82 0.92
C THR A 139 1.33 -5.48 0.04
N ALA A 140 0.17 -5.80 0.62
CA ALA A 140 -0.90 -6.39 -0.17
C ALA A 140 -1.40 -5.41 -1.22
N ALA A 141 -1.53 -4.14 -0.85
CA ALA A 141 -2.00 -3.12 -1.79
C ALA A 141 -1.02 -2.94 -2.95
N ILE A 142 0.27 -2.92 -2.63
CA ILE A 142 1.31 -2.83 -3.66
C ILE A 142 1.25 -4.00 -4.63
N LEU A 143 1.13 -5.21 -4.12
CA LEU A 143 1.09 -6.37 -4.99
C LEU A 143 -0.19 -6.40 -5.83
N ILE A 144 -1.34 -6.15 -5.20
CA ILE A 144 -2.61 -6.11 -5.94
C ILE A 144 -2.50 -5.14 -7.11
N TYR A 145 -2.04 -3.92 -6.84
CA TYR A 145 -2.05 -2.95 -7.91
C TYR A 145 -0.89 -3.12 -8.89
N GLU A 146 0.16 -3.87 -8.52
CA GLU A 146 1.16 -4.25 -9.51
C GLU A 146 0.55 -5.25 -10.50
N ALA A 147 -0.18 -6.24 -9.99
CA ALA A 147 -0.83 -7.19 -10.89
C ALA A 147 -1.86 -6.48 -11.79
N PHE A 148 -2.66 -5.58 -11.20
CA PHE A 148 -3.67 -4.91 -12.01
C PHE A 148 -3.05 -3.92 -12.99
N ARG A 149 -1.94 -3.30 -12.64
CA ARG A 149 -1.19 -2.49 -13.61
C ARG A 149 -0.79 -3.34 -14.82
N GLN A 150 -0.20 -4.51 -14.56
CA GLN A 150 0.24 -5.37 -15.66
C GLN A 150 -0.93 -5.86 -16.52
N GLN A 151 -2.11 -5.98 -15.91
CA GLN A 151 -3.30 -6.45 -16.63
C GLN A 151 -4.13 -5.31 -17.21
N ASN A 152 -3.65 -4.08 -17.06
N ASN A 152 -3.67 -4.08 -17.03
CA ASN A 152 -4.37 -2.88 -17.51
CA ASN A 152 -4.37 -2.88 -17.51
C ASN A 152 -5.76 -2.77 -16.89
C ASN A 152 -5.74 -2.69 -16.88
N TYR A 153 -5.81 -2.95 -15.58
CA TYR A 153 -6.97 -2.63 -14.75
C TYR A 153 -8.30 -3.23 -15.17
N PRO A 154 -8.34 -4.57 -15.32
CA PRO A 154 -9.60 -5.23 -15.70
C PRO A 154 -10.72 -4.97 -14.69
N GLY A 155 -11.88 -4.56 -15.19
CA GLY A 155 -13.06 -4.40 -14.37
C GLY A 155 -13.08 -3.14 -13.53
N LEU A 156 -12.08 -2.28 -13.70
CA LEU A 156 -11.96 -1.11 -12.83
C LEU A 156 -12.38 0.15 -13.57
N ASP A 157 -12.86 1.12 -12.80
CA ASP A 157 -13.23 2.40 -13.37
C ASP A 157 -12.04 3.36 -13.31
N LEU A 158 -11.59 3.73 -14.50
CA LEU A 158 -10.46 4.65 -14.63
C LEU A 158 -10.89 6.06 -14.29
N GLU A 159 -12.21 6.29 -14.32
CA GLU A 159 -12.81 7.56 -13.98
C GLU A 159 -14.11 7.31 -13.23
N ILE A 160 -14.52 8.23 -12.36
CA ILE A 160 -15.78 8.07 -11.63
C ILE A 160 -16.95 8.03 -12.60
N GLY B 2 14.42 13.47 -6.02
CA GLY B 2 13.88 12.51 -5.08
C GLY B 2 12.39 12.28 -5.19
N VAL B 3 11.88 11.43 -4.33
CA VAL B 3 10.46 11.15 -4.27
C VAL B 3 9.93 11.69 -2.94
N HIS B 4 8.77 12.32 -3.00
CA HIS B 4 8.20 13.03 -1.86
C HIS B 4 6.73 12.68 -1.72
N VAL B 5 6.32 12.44 -0.48
N VAL B 5 6.29 12.39 -0.51
CA VAL B 5 4.92 12.26 -0.12
CA VAL B 5 4.87 12.32 -0.29
C VAL B 5 4.45 13.42 0.74
C VAL B 5 4.49 13.45 0.64
N VAL B 6 3.34 14.05 0.35
CA VAL B 6 2.87 15.24 1.04
C VAL B 6 1.51 14.93 1.60
N LEU B 7 1.36 14.98 2.93
CA LEU B 7 0.06 14.68 3.54
C LEU B 7 -0.60 15.98 3.96
N TYR B 8 -1.75 16.26 3.37
CA TYR B 8 -2.50 17.44 3.75
C TYR B 8 -3.37 17.12 4.97
N GLN B 9 -3.00 17.68 6.12
CA GLN B 9 -3.80 17.54 7.35
C GLN B 9 -4.31 16.09 7.63
N PRO B 10 -3.38 15.14 7.74
CA PRO B 10 -3.79 13.75 8.02
C PRO B 10 -4.44 13.64 9.40
N GLU B 11 -5.34 12.66 9.53
CA GLU B 11 -6.21 12.54 10.70
C GLU B 11 -5.87 11.39 11.64
N ILE B 12 -5.54 10.23 11.06
CA ILE B 12 -5.47 8.99 11.83
C ILE B 12 -4.00 8.59 12.06
N PRO B 13 -3.57 8.48 13.34
CA PRO B 13 -2.15 8.22 13.60
C PRO B 13 -1.62 6.98 12.86
N ALA B 14 -2.38 5.88 12.80
CA ALA B 14 -1.83 4.68 12.19
C ALA B 14 -1.51 4.89 10.70
N ASN B 15 -2.30 5.69 9.99
CA ASN B 15 -2.01 5.92 8.57
C ASN B 15 -0.69 6.64 8.41
N THR B 16 -0.45 7.64 9.24
CA THR B 16 0.81 8.38 9.13
C THR B 16 1.97 7.54 9.64
N GLY B 17 1.72 6.69 10.65
CA GLY B 17 2.76 5.75 11.07
C GLY B 17 3.15 4.79 9.94
N ASN B 18 2.15 4.30 9.21
CA ASN B 18 2.42 3.41 8.08
C ASN B 18 3.18 4.14 6.98
N ILE B 19 2.76 5.36 6.67
CA ILE B 19 3.40 6.11 5.59
C ILE B 19 4.83 6.46 5.98
N ALA B 20 5.05 6.84 7.24
CA ALA B 20 6.42 7.07 7.71
C ALA B 20 7.27 5.81 7.58
N ARG B 21 6.69 4.64 7.83
CA ARG B 21 7.42 3.39 7.64
C ARG B 21 7.82 3.20 6.18
N THR B 22 6.88 3.43 5.26
CA THR B 22 7.20 3.30 3.82
C THR B 22 8.27 4.32 3.41
N CYS B 23 8.22 5.51 3.99
CA CYS B 23 9.23 6.53 3.69
C CYS B 23 10.62 6.09 4.19
N ALA B 24 10.70 5.59 5.42
CA ALA B 24 11.98 5.11 5.95
C ALA B 24 12.49 3.95 5.09
N ALA B 25 11.56 3.12 4.60
CA ALA B 25 11.92 1.95 3.80
C ALA B 25 12.47 2.31 2.43
N THR B 26 12.24 3.54 1.98
CA THR B 26 12.58 3.88 0.59
C THR B 26 13.44 5.11 0.44
N GLY B 27 13.55 5.93 1.49
CA GLY B 27 14.22 7.21 1.35
C GLY B 27 13.30 8.28 0.76
N THR B 28 12.00 8.00 0.69
CA THR B 28 11.02 9.02 0.28
C THR B 28 10.89 10.08 1.37
N GLU B 29 10.86 11.36 0.99
CA GLU B 29 10.66 12.43 1.95
C GLU B 29 9.19 12.55 2.35
N LEU B 30 8.96 12.88 3.61
CA LEU B 30 7.61 13.03 4.14
C LEU B 30 7.38 14.49 4.50
N HIS B 31 6.35 15.08 3.92
CA HIS B 31 5.99 16.47 4.15
C HIS B 31 4.61 16.48 4.81
N LEU B 32 4.52 17.06 6.00
CA LEU B 32 3.27 17.04 6.76
C LEU B 32 2.71 18.45 6.89
N ILE B 33 1.51 18.67 6.36
CA ILE B 33 0.87 19.98 6.46
C ILE B 33 -0.12 19.96 7.61
N ARG B 34 0.17 20.80 8.60
CA ARG B 34 -0.65 20.93 9.82
C ARG B 34 -1.98 21.64 9.50
N PRO B 35 -3.00 21.49 10.37
CA PRO B 35 -3.06 20.71 11.60
C PRO B 35 -3.07 19.21 11.36
N LEU B 36 -2.37 18.47 12.22
CA LEU B 36 -2.40 17.02 12.21
C LEU B 36 -3.41 16.54 13.24
N GLY B 37 -3.87 15.30 13.12
CA GLY B 37 -4.92 14.80 13.98
C GLY B 37 -4.41 14.13 15.24
N PHE B 38 -3.11 14.27 15.47
CA PHE B 38 -2.44 13.50 16.51
C PHE B 38 -1.13 14.21 16.83
N SER B 39 -0.56 13.88 17.98
CA SER B 39 0.73 14.44 18.35
C SER B 39 1.85 13.72 17.59
N THR B 40 2.87 14.47 17.19
CA THR B 40 4.08 13.83 16.69
C THR B 40 5.27 14.23 17.56
N ASP B 41 5.00 14.59 18.81
N ASP B 41 5.00 14.58 18.81
CA ASP B 41 6.08 14.86 19.75
CA ASP B 41 6.08 14.84 19.75
C ASP B 41 6.96 13.61 19.87
C ASP B 41 6.96 13.60 19.84
N ASP B 42 8.26 13.80 19.98
CA ASP B 42 9.20 12.68 20.04
C ASP B 42 8.83 11.69 21.14
N LYS B 43 8.27 12.17 22.24
CA LYS B 43 7.91 11.29 23.34
C LYS B 43 6.66 10.45 23.04
N MET B 44 5.74 11.00 22.25
CA MET B 44 4.54 10.26 21.85
C MET B 44 4.88 9.18 20.84
N LEU B 45 5.76 9.51 19.90
CA LEU B 45 6.19 8.56 18.89
C LEU B 45 6.95 7.41 19.53
N LYS B 46 7.72 7.71 20.57
CA LYS B 46 8.46 6.67 21.28
C LYS B 46 7.50 5.77 22.08
N ARG B 47 6.48 6.39 22.68
CA ARG B 47 5.47 5.64 23.42
C ARG B 47 4.70 4.73 22.47
N ALA B 48 4.57 5.16 21.22
CA ALA B 48 3.82 4.41 20.20
C ALA B 48 4.69 3.33 19.54
N GLY B 49 5.98 3.32 19.85
CA GLY B 49 6.86 2.28 19.36
C GLY B 49 7.36 2.46 17.93
N LEU B 50 7.37 3.70 17.45
CA LEU B 50 7.80 3.95 16.08
C LEU B 50 9.32 4.15 15.96
N ASP B 51 10.07 3.05 16.04
CA ASP B 51 11.53 3.10 16.11
C ASP B 51 12.20 3.62 14.82
N TYR B 52 11.49 3.51 13.71
CA TYR B 52 12.01 3.93 12.42
C TYR B 52 11.80 5.42 12.13
N TRP B 53 11.01 6.09 12.97
CA TRP B 53 10.61 7.49 12.71
C TRP B 53 11.84 8.38 12.55
N GLN B 54 12.85 8.15 13.40
CA GLN B 54 14.10 8.89 13.36
C GLN B 54 14.77 8.89 11.99
N HIS B 55 14.53 7.84 11.20
CA HIS B 55 15.18 7.71 9.89
C HIS B 55 14.46 8.44 8.77
N VAL B 56 13.25 8.93 9.05
CA VAL B 56 12.44 9.56 8.04
C VAL B 56 12.89 10.99 7.81
N LYS B 57 13.02 11.36 6.54
CA LYS B 57 13.30 12.74 6.15
C LYS B 57 11.99 13.52 6.20
N ILE B 58 11.76 14.24 7.30
N ILE B 58 11.77 14.20 7.32
CA ILE B 58 10.46 14.83 7.56
CA ILE B 58 10.52 14.89 7.57
C ILE B 58 10.50 16.35 7.65
C ILE B 58 10.64 16.38 7.35
N THR B 59 9.50 16.99 7.06
CA THR B 59 9.33 18.44 7.13
C THR B 59 7.87 18.73 7.47
N TYR B 60 7.68 19.68 8.38
CA TYR B 60 6.36 20.15 8.78
C TYR B 60 6.08 21.53 8.21
N TYR B 61 4.82 21.77 7.88
CA TYR B 61 4.38 23.06 7.37
C TYR B 61 3.09 23.50 8.06
N ASP B 62 2.93 24.82 8.23
CA ASP B 62 1.71 25.33 8.86
C ASP B 62 0.58 25.55 7.85
N SER B 63 0.91 25.47 6.56
CA SER B 63 -0.09 25.66 5.50
C SER B 63 0.39 25.11 4.17
N ILE B 64 -0.53 24.88 3.25
CA ILE B 64 -0.12 24.42 1.94
C ILE B 64 0.60 25.56 1.21
N GLU B 65 0.22 26.81 1.50
CA GLU B 65 0.94 27.94 0.91
C GLU B 65 2.42 27.91 1.31
N GLU B 66 2.70 27.64 2.59
CA GLU B 66 4.08 27.52 3.06
C GLU B 66 4.79 26.37 2.34
N PHE B 67 4.09 25.23 2.22
CA PHE B 67 4.65 24.09 1.52
C PHE B 67 5.09 24.48 0.10
N TYR B 68 4.22 25.16 -0.63
CA TYR B 68 4.54 25.55 -2.00
C TYR B 68 5.73 26.51 -2.06
N GLU B 69 5.77 27.47 -1.15
CA GLU B 69 6.86 28.43 -1.10
C GLU B 69 8.22 27.74 -0.90
N LYS B 70 8.23 26.67 -0.11
CA LYS B 70 9.48 26.01 0.22
C LYS B 70 9.82 24.86 -0.72
N ASN B 71 8.94 24.59 -1.67
CA ASN B 71 9.16 23.51 -2.64
C ASN B 71 8.77 23.98 -4.03
N LYS B 72 9.49 24.97 -4.54
CA LYS B 72 9.07 25.62 -5.77
C LYS B 72 9.36 24.79 -7.02
N ASP B 73 10.47 24.06 -7.00
N ASP B 73 10.48 24.08 -7.01
CA ASP B 73 10.87 23.26 -8.16
CA ASP B 73 10.86 23.26 -8.16
C ASP B 73 10.45 21.81 -8.01
C ASP B 73 10.33 21.84 -8.00
N GLY B 74 10.06 21.18 -9.12
CA GLY B 74 9.64 19.80 -9.08
C GLY B 74 8.33 19.54 -9.80
N GLU B 75 7.90 18.29 -9.78
CA GLU B 75 6.66 17.92 -10.42
C GLU B 75 5.65 17.53 -9.35
N PHE B 76 4.47 18.14 -9.41
CA PHE B 76 3.46 17.93 -8.38
C PHE B 76 2.25 17.19 -8.92
N PHE B 77 1.92 16.08 -8.26
CA PHE B 77 0.76 15.27 -8.61
C PHE B 77 -0.15 15.17 -7.40
N TYR B 78 -1.46 15.12 -7.66
CA TYR B 78 -2.48 15.16 -6.61
C TYR B 78 -3.32 13.90 -6.68
N LEU B 79 -3.32 13.13 -5.59
CA LEU B 79 -4.00 11.84 -5.59
C LEU B 79 -5.44 12.06 -5.16
N THR B 80 -6.37 11.72 -6.03
CA THR B 80 -7.77 11.89 -5.72
C THR B 80 -8.61 10.95 -6.57
N LYS B 81 -9.65 10.39 -5.95
CA LYS B 81 -10.62 9.57 -6.69
C LYS B 81 -11.29 10.32 -7.83
N TYR B 82 -11.21 11.65 -7.82
CA TYR B 82 -11.84 12.47 -8.84
C TYR B 82 -10.93 12.67 -10.05
N GLY B 83 -9.70 12.16 -9.98
CA GLY B 83 -8.79 12.26 -11.10
C GLY B 83 -9.24 11.50 -12.34
N GLU B 84 -8.76 11.93 -13.51
CA GLU B 84 -9.13 11.27 -14.77
C GLU B 84 -7.90 10.70 -15.50
N LYS B 85 -6.80 10.55 -14.77
N LYS B 85 -6.80 10.56 -14.78
CA LYS B 85 -5.61 9.87 -15.27
CA LYS B 85 -5.65 9.83 -15.26
C LYS B 85 -5.14 8.88 -14.21
C LYS B 85 -5.22 8.83 -14.21
N ALA B 86 -4.73 7.67 -14.63
CA ALA B 86 -4.24 6.67 -13.68
C ALA B 86 -2.94 7.12 -13.03
N HIS B 87 -2.69 6.64 -11.82
CA HIS B 87 -1.43 6.94 -11.14
C HIS B 87 -0.20 6.44 -11.93
N THR B 88 -0.42 5.47 -12.82
CA THR B 88 0.66 4.90 -13.62
C THR B 88 0.83 5.60 -14.98
N ALA B 89 0.01 6.60 -15.26
CA ALA B 89 0.00 7.22 -16.58
C ALA B 89 1.15 8.21 -16.83
N PHE B 90 1.89 8.57 -15.78
CA PHE B 90 2.96 9.55 -15.91
C PHE B 90 4.35 8.95 -15.71
N ASP B 91 5.34 9.64 -16.26
CA ASP B 91 6.74 9.24 -16.19
C ASP B 91 7.39 9.74 -14.90
N TYR B 92 7.84 8.83 -14.04
CA TYR B 92 8.55 9.20 -12.82
C TYR B 92 9.96 8.64 -12.82
N SER B 93 10.51 8.40 -14.01
CA SER B 93 11.73 7.59 -14.11
C SER B 93 13.03 8.36 -13.91
N LYS B 94 12.95 9.69 -13.83
CA LYS B 94 14.18 10.50 -13.77
C LYS B 94 14.60 10.72 -12.32
N ARG B 95 15.66 10.02 -11.92
N ARG B 95 15.66 10.05 -11.91
CA ARG B 95 16.18 10.08 -10.56
CA ARG B 95 16.10 10.08 -10.52
C ARG B 95 16.42 11.50 -10.08
C ARG B 95 16.54 11.48 -10.05
N GLU B 96 16.93 12.34 -10.99
CA GLU B 96 17.37 13.68 -10.63
C GLU B 96 16.25 14.68 -10.43
N LYS B 97 15.03 14.35 -10.88
CA LYS B 97 13.87 15.21 -10.69
C LYS B 97 13.27 15.01 -9.31
N ASP B 98 12.52 16.01 -8.83
CA ASP B 98 11.78 15.84 -7.58
C ASP B 98 10.31 15.63 -7.87
N TYR B 99 9.80 14.47 -7.50
CA TYR B 99 8.40 14.16 -7.70
C TYR B 99 7.66 14.24 -6.39
N TYR B 100 6.61 15.05 -6.34
CA TYR B 100 5.78 15.20 -5.15
C TYR B 100 4.41 14.61 -5.37
N PHE B 101 4.02 13.72 -4.48
CA PHE B 101 2.68 13.16 -4.52
C PHE B 101 1.90 13.66 -3.33
N VAL B 102 0.81 14.39 -3.61
CA VAL B 102 0.03 15.08 -2.58
C VAL B 102 -1.27 14.33 -2.29
N PHE B 103 -1.49 14.06 -1.01
CA PHE B 103 -2.62 13.25 -0.56
C PHE B 103 -3.56 14.06 0.32
N GLY B 104 -4.85 13.77 0.19
CA GLY B 104 -5.85 14.41 1.03
C GLY B 104 -6.14 13.75 2.37
N ARG B 105 -7.13 14.34 3.06
CA ARG B 105 -7.52 13.92 4.40
C ARG B 105 -8.38 12.67 4.34
N GLU B 106 -8.26 11.81 5.35
CA GLU B 106 -9.08 10.60 5.41
C GLU B 106 -10.58 10.88 5.27
N THR B 107 -11.06 12.00 5.83
CA THR B 107 -12.48 12.30 5.76
C THR B 107 -12.79 13.20 4.56
N ASN B 108 -12.21 14.39 4.50
CA ASN B 108 -12.59 15.37 3.46
C ASN B 108 -11.85 15.25 2.13
N GLY B 109 -10.84 14.40 2.08
CA GLY B 109 -9.98 14.35 0.90
C GLY B 109 -9.19 15.64 0.70
N LEU B 110 -8.90 15.97 -0.56
CA LEU B 110 -8.22 17.23 -0.90
C LEU B 110 -9.24 18.34 -1.02
N PRO B 111 -8.84 19.58 -0.70
CA PRO B 111 -9.75 20.70 -0.89
C PRO B 111 -10.18 20.81 -2.36
N ALA B 112 -11.46 21.14 -2.59
CA ALA B 112 -12.00 21.28 -3.94
C ALA B 112 -11.17 22.21 -4.81
N ASN B 113 -10.69 23.32 -4.24
CA ASN B 113 -9.96 24.29 -5.05
C ASN B 113 -8.60 23.73 -5.48
N VAL B 114 -8.02 22.87 -4.65
CA VAL B 114 -6.75 22.26 -5.02
C VAL B 114 -6.93 21.31 -6.20
N ILE B 115 -8.00 20.52 -6.16
CA ILE B 115 -8.30 19.62 -7.27
C ILE B 115 -8.60 20.40 -8.55
N GLU B 116 -9.42 21.43 -8.43
N GLU B 116 -9.45 21.41 -8.45
CA GLU B 116 -9.85 22.24 -9.56
CA GLU B 116 -9.81 22.20 -9.63
C GLU B 116 -8.72 23.01 -10.23
C GLU B 116 -8.58 22.85 -10.25
N GLU B 117 -7.76 23.48 -9.42
CA GLU B 117 -6.65 24.26 -9.93
C GLU B 117 -5.55 23.38 -10.51
N ASN B 118 -5.53 22.12 -10.12
CA ASN B 118 -4.48 21.21 -10.54
C ASN B 118 -5.01 19.98 -11.26
N PHE B 119 -6.17 20.10 -11.90
CA PHE B 119 -6.86 18.90 -12.36
C PHE B 119 -6.08 18.07 -13.38
N ASP B 120 -5.27 18.71 -14.22
CA ASP B 120 -4.48 17.95 -15.21
C ASP B 120 -3.48 17.01 -14.56
N HIS B 121 -3.13 17.28 -13.32
CA HIS B 121 -2.19 16.42 -12.61
C HIS B 121 -2.86 15.72 -11.44
N CYS B 122 -4.17 15.56 -11.51
CA CYS B 122 -4.89 14.74 -10.54
C CYS B 122 -4.91 13.28 -11.00
N LEU B 123 -4.44 12.42 -10.11
CA LEU B 123 -4.27 11.00 -10.38
C LEU B 123 -5.27 10.17 -9.59
N ARG B 124 -6.00 9.31 -10.30
CA ARG B 124 -6.93 8.37 -9.69
C ARG B 124 -6.38 6.95 -9.80
N ILE B 125 -6.19 6.28 -8.66
CA ILE B 125 -5.91 4.85 -8.69
C ILE B 125 -7.21 4.17 -9.06
N PRO B 126 -7.24 3.39 -10.15
CA PRO B 126 -8.52 2.83 -10.58
C PRO B 126 -9.15 1.90 -9.54
N MET B 127 -10.47 1.95 -9.45
CA MET B 127 -11.24 1.15 -8.50
C MET B 127 -12.57 0.73 -9.12
N THR B 128 -13.15 -0.31 -8.56
CA THR B 128 -14.55 -0.65 -8.80
C THR B 128 -15.44 0.35 -8.10
N ASP B 129 -16.75 0.20 -8.29
CA ASP B 129 -17.73 1.03 -7.62
C ASP B 129 -18.11 0.52 -6.22
N LYS B 130 -17.36 -0.45 -5.70
CA LYS B 130 -17.75 -1.08 -4.44
C LYS B 130 -17.19 -0.37 -3.21
N VAL B 131 -16.26 0.55 -3.45
CA VAL B 131 -15.70 1.38 -2.37
C VAL B 131 -15.66 2.84 -2.82
N ARG B 132 -15.65 3.76 -1.86
CA ARG B 132 -15.50 5.17 -2.17
C ARG B 132 -14.07 5.57 -2.47
N SER B 133 -13.15 4.92 -1.78
CA SER B 133 -11.75 5.31 -1.82
C SER B 133 -10.94 4.20 -1.21
N LEU B 134 -9.63 4.23 -1.49
CA LEU B 134 -8.67 3.36 -0.83
C LEU B 134 -8.21 3.97 0.50
N ASN B 135 -7.59 3.14 1.32
CA ASN B 135 -6.97 3.64 2.55
C ASN B 135 -5.81 4.59 2.23
N LEU B 136 -5.69 5.68 2.98
CA LEU B 136 -4.67 6.70 2.74
C LEU B 136 -3.24 6.13 2.69
N SER B 137 -2.86 5.33 3.69
CA SER B 137 -1.50 4.81 3.70
C SER B 137 -1.26 3.83 2.55
N ASN B 138 -2.28 3.05 2.18
CA ASN B 138 -2.15 2.14 1.05
C ASN B 138 -1.88 2.92 -0.22
N THR B 139 -2.57 4.05 -0.41
CA THR B 139 -2.39 4.80 -1.65
C THR B 139 -0.98 5.40 -1.72
N ALA B 140 -0.47 5.84 -0.58
CA ALA B 140 0.90 6.37 -0.54
C ALA B 140 1.92 5.28 -0.86
N ALA B 141 1.70 4.08 -0.32
CA ALA B 141 2.63 2.98 -0.59
C ALA B 141 2.62 2.60 -2.07
N ILE B 142 1.43 2.56 -2.68
CA ILE B 142 1.30 2.25 -4.10
C ILE B 142 2.08 3.28 -4.94
N LEU B 143 1.88 4.57 -4.64
CA LEU B 143 2.56 5.60 -5.43
C LEU B 143 4.07 5.59 -5.24
N ILE B 144 4.53 5.48 -4.00
CA ILE B 144 5.94 5.41 -3.74
C ILE B 144 6.56 4.27 -4.56
N TYR B 145 5.98 3.08 -4.49
CA TYR B 145 6.64 1.97 -5.16
C TYR B 145 6.41 1.97 -6.66
N GLU B 146 5.44 2.71 -7.16
CA GLU B 146 5.34 2.89 -8.61
C GLU B 146 6.47 3.80 -9.09
N ALA B 147 6.74 4.86 -8.36
CA ALA B 147 7.85 5.74 -8.73
C ALA B 147 9.18 4.99 -8.63
N PHE B 148 9.38 4.24 -7.55
CA PHE B 148 10.63 3.52 -7.40
C PHE B 148 10.75 2.39 -8.44
N ARG B 149 9.62 1.76 -8.81
CA ARG B 149 9.66 0.78 -9.90
C ARG B 149 10.19 1.42 -11.17
N GLN B 150 9.65 2.58 -11.52
CA GLN B 150 10.07 3.25 -12.76
C GLN B 150 11.54 3.67 -12.72
N GLN B 151 12.08 3.88 -11.53
CA GLN B 151 13.46 4.29 -11.38
C GLN B 151 14.41 3.12 -11.12
N ASN B 152 13.87 1.90 -11.14
CA ASN B 152 14.62 0.69 -10.85
C ASN B 152 15.21 0.67 -9.42
N TYR B 153 14.39 1.11 -8.47
CA TYR B 153 14.64 0.98 -7.04
C TYR B 153 15.97 1.55 -6.55
N PRO B 154 16.24 2.82 -6.89
CA PRO B 154 17.51 3.41 -6.47
C PRO B 154 17.67 3.46 -4.94
N GLY B 155 18.82 3.01 -4.48
CA GLY B 155 19.18 3.09 -3.08
C GLY B 155 18.58 2.00 -2.22
N LEU B 156 17.83 1.09 -2.83
CA LEU B 156 17.18 0.02 -2.08
C LEU B 156 17.95 -1.29 -2.22
N ASP B 157 17.80 -2.16 -1.23
CA ASP B 157 18.42 -3.48 -1.23
C ASP B 157 19.94 -3.36 -1.37
N LEU B 158 20.50 -2.33 -0.75
CA LEU B 158 21.95 -2.21 -0.61
C LEU B 158 22.36 -2.95 0.64
N GLU B 159 23.31 -3.87 0.47
N GLU B 159 23.31 -3.86 0.51
CA GLU B 159 23.91 -4.64 1.57
CA GLU B 159 23.90 -4.53 1.67
C GLU B 159 22.92 -5.17 2.59
C GLU B 159 22.81 -5.08 2.60
N ILE B 160 22.03 -6.04 2.11
CA ILE B 160 20.98 -6.61 2.93
C ILE B 160 21.54 -7.49 4.04
N SAH C . 8.05 -11.05 10.80
CA SAH C . 8.76 -10.43 9.69
CB SAH C . 7.90 -9.37 9.00
CG SAH C . 6.40 -9.66 8.92
SD SAH C . 5.55 -8.25 8.15
C SAH C . 10.09 -9.84 10.15
O SAH C . 11.08 -10.56 10.25
OXT SAH C . 10.20 -8.64 10.43
C5' SAH C . 4.07 -9.16 7.64
C4' SAH C . 4.10 -9.63 6.19
O4' SAH C . 4.18 -8.54 5.27
C3' SAH C . 5.31 -10.48 5.80
O3' SAH C . 5.16 -11.79 6.29
C2' SAH C . 5.32 -10.40 4.30
O2' SAH C . 4.31 -11.23 3.72
C1' SAH C . 4.88 -8.96 4.11
N9 SAH C . 6.02 -8.03 3.94
C8 SAH C . 6.43 -7.00 4.74
N7 SAH C . 7.51 -6.42 4.19
C5 SAH C . 7.78 -7.05 3.00
C6 SAH C . 8.74 -6.87 2.01
N6 SAH C . 9.69 -5.93 2.05
N1 SAH C . 8.71 -7.74 0.95
C2 SAH C . 7.78 -8.72 0.84
N3 SAH C . 6.84 -8.91 1.80
C4 SAH C . 6.85 -8.07 2.86
N SAH D . -13.13 9.95 2.70
CA SAH D . -13.00 10.44 1.33
CB SAH D . -11.64 10.19 0.66
CG SAH D . -10.39 10.28 1.54
SD SAH D . -9.22 8.92 1.29
C SAH D . -14.10 9.86 0.46
O SAH D . -14.01 9.90 -0.76
OXT SAH D . -15.10 9.33 0.96
C5' SAH D . -7.79 9.96 1.69
C4' SAH D . -6.86 10.23 0.51
O4' SAH D . -6.36 9.01 -0.06
C3' SAH D . -7.51 10.95 -0.64
O3' SAH D . -7.65 12.32 -0.38
C2' SAH D . -6.57 10.65 -1.77
O2' SAH D . -5.39 11.44 -1.65
C1' SAH D . -6.17 9.22 -1.43
N9 SAH D . -6.95 8.21 -2.18
C8 SAH D . -7.81 7.27 -1.68
N7 SAH D . -8.27 6.54 -2.72
C5 SAH D . -7.71 7.00 -3.87
C6 SAH D . -7.80 6.64 -5.22
N6 SAH D . -8.58 5.64 -5.67
N1 SAH D . -7.07 7.35 -6.13
C2 SAH D . -6.24 8.38 -5.76
N3 SAH D . -6.14 8.75 -4.44
C4 SAH D . -6.86 8.04 -3.53
#